data_6MIG
#
_entry.id   6MIG
#
_cell.length_a   55.213
_cell.length_b   145.900
_cell.length_c   46.930
_cell.angle_alpha   90.000
_cell.angle_beta   90.000
_cell.angle_gamma   90.000
#
_symmetry.space_group_name_H-M   'P 21 21 2'
#
loop_
_entity.id
_entity.type
_entity.pdbx_description
1 polymer 'Gag-Pol polyprotein'
2 polymer "DNA (5'-D(*CP*TP*TP*AP*TP*(1WA)P*(1WA)P*(DS))-3')"
3 polymer "DNA (5'-D(P*(DB)P*(1W5)P*(1W5)P*AP*TP*AP*AP*G)-3')"
4 water water
#
loop_
_entity_poly.entity_id
_entity_poly.type
_entity_poly.pdbx_seq_one_letter_code
_entity_poly.pdbx_strand_id
1 'polypeptide(L)'
;GSHMTWLSDFPQAWAETGGMGLAVRQAPLIIPLKATSTPVSIKQYPMSQEARLGIKPHIQRLLDQGILVPCQSPWNTPLL
PVKKPGTNDYRPVQDLREVNKRVEDIHPTVPNPYNLLSGLPPSHQWYTVLDLKDAFFCLRLHPTSQPLFAFEWRDPEMGI
SGQLTWTRLPQGFKNSPTLFDEALHRDLADFRIQHPDLILLQYVDDLLLAATSELDCQQGTRALLQTLGNLGYRASAKKA
QICQKQVKYLGYLLKEGQR
;
A
2 'polydeoxyribonucleotide' (DC)(DT)(DT)(DA)(DT)(1WA)(IGU)(DT) B
3 'polydeoxyribonucleotide' (DA)(JSP)(1W5)(DA)(DT)(DA)(DA)(DG) G
#
# COMPACT_ATOMS: atom_id res chain seq x y z
N THR A 5 8.14 9.24 -23.83
CA THR A 5 7.16 9.67 -22.84
C THR A 5 7.47 9.03 -21.49
N TRP A 6 6.95 9.64 -20.41
CA TRP A 6 7.20 9.11 -19.08
C TRP A 6 6.69 7.67 -18.95
N LEU A 7 5.56 7.38 -19.60
CA LEU A 7 4.99 6.03 -19.54
C LEU A 7 5.93 5.01 -20.19
N SER A 8 6.30 5.25 -21.46
CA SER A 8 7.13 4.27 -22.17
C SER A 8 8.55 4.20 -21.62
N ASP A 9 9.05 5.26 -20.99
CA ASP A 9 10.42 5.27 -20.51
C ASP A 9 10.63 4.50 -19.20
N PHE A 10 9.57 4.22 -18.46
CA PHE A 10 9.68 3.51 -17.18
C PHE A 10 8.57 2.48 -17.06
N PRO A 11 8.61 1.43 -17.88
CA PRO A 11 7.49 0.48 -17.90
C PRO A 11 7.32 -0.26 -16.59
N GLN A 12 8.43 -0.59 -15.92
CA GLN A 12 8.38 -1.31 -14.66
C GLN A 12 7.79 -0.45 -13.53
N ALA A 13 7.97 0.87 -13.58
CA ALA A 13 7.59 1.73 -12.46
C ALA A 13 6.09 2.00 -12.38
N TRP A 14 5.35 1.91 -13.48
CA TRP A 14 3.94 2.29 -13.51
C TRP A 14 3.06 1.07 -13.30
N ALA A 15 2.01 1.24 -12.50
CA ALA A 15 1.09 0.13 -12.26
C ALA A 15 0.40 -0.28 -13.54
N GLU A 16 0.23 0.67 -14.47
CA GLU A 16 -0.48 0.39 -15.71
C GLU A 16 0.26 -0.61 -16.59
N THR A 17 1.60 -0.65 -16.49
CA THR A 17 2.39 -1.48 -17.38
C THR A 17 3.36 -2.43 -16.68
N GLY A 18 3.48 -2.36 -15.36
CA GLY A 18 4.53 -3.14 -14.70
C GLY A 18 4.06 -4.37 -13.96
N GLY A 19 2.75 -4.61 -13.96
CA GLY A 19 2.18 -5.67 -13.16
C GLY A 19 2.04 -5.28 -11.71
N MET A 20 1.41 -6.16 -10.95
CA MET A 20 1.25 -5.96 -9.52
C MET A 20 2.62 -5.92 -8.86
N GLY A 21 2.78 -5.03 -7.87
CA GLY A 21 4.05 -4.90 -7.20
C GLY A 21 4.33 -6.02 -6.19
N LEU A 22 5.57 -6.03 -5.72
CA LEU A 22 6.07 -6.96 -4.72
C LEU A 22 7.40 -6.39 -4.29
N ALA A 23 7.52 -5.99 -3.01
CA ALA A 23 8.73 -5.34 -2.51
C ALA A 23 9.77 -6.41 -2.24
N VAL A 24 10.66 -6.63 -3.21
CA VAL A 24 11.52 -7.82 -3.21
C VAL A 24 12.63 -7.73 -2.16
N ARG A 25 12.94 -6.55 -1.65
CA ARG A 25 14.01 -6.42 -0.65
C ARG A 25 13.49 -6.55 0.78
N GLN A 26 12.18 -6.59 0.97
CA GLN A 26 11.57 -6.56 2.30
C GLN A 26 11.22 -7.97 2.73
N ALA A 27 11.74 -8.38 3.89
CA ALA A 27 11.43 -9.70 4.39
C ALA A 27 9.94 -9.80 4.70
N PRO A 28 9.33 -10.98 4.49
CA PRO A 28 7.92 -11.17 4.87
C PRO A 28 7.71 -10.78 6.32
N LEU A 29 6.61 -10.07 6.56
CA LEU A 29 6.37 -9.45 7.86
C LEU A 29 5.76 -10.44 8.84
N ILE A 30 6.32 -10.48 10.06
CA ILE A 30 5.75 -11.24 11.19
C ILE A 30 4.99 -10.24 12.06
N ILE A 31 3.76 -10.60 12.42
CA ILE A 31 2.84 -9.73 13.16
C ILE A 31 2.73 -10.25 14.59
N PRO A 32 3.41 -9.65 15.56
CA PRO A 32 3.34 -10.16 16.93
C PRO A 32 1.99 -9.88 17.57
N LEU A 33 1.49 -10.88 18.27
CA LEU A 33 0.26 -10.78 19.05
C LEU A 33 0.54 -10.26 20.45
N LYS A 34 -0.48 -9.66 21.06
CA LYS A 34 -0.42 -9.35 22.49
C LYS A 34 -0.20 -10.62 23.29
N ALA A 35 0.33 -10.44 24.50
CA ALA A 35 0.80 -11.58 25.29
C ALA A 35 -0.32 -12.53 25.66
N THR A 36 -1.56 -12.05 25.80
CA THR A 36 -2.68 -12.88 26.22
C THR A 36 -3.60 -13.33 25.09
N SER A 37 -3.32 -12.96 23.84
CA SER A 37 -4.29 -13.22 22.76
C SER A 37 -4.45 -14.71 22.43
N THR A 38 -5.69 -15.12 22.13
CA THR A 38 -5.97 -16.38 21.45
C THR A 38 -6.82 -16.09 20.23
N PRO A 39 -6.92 -17.03 19.29
CA PRO A 39 -7.67 -16.74 18.06
C PRO A 39 -9.15 -16.49 18.33
N VAL A 40 -9.73 -15.67 17.45
CA VAL A 40 -11.16 -15.37 17.48
C VAL A 40 -11.69 -15.76 16.10
N SER A 41 -12.84 -16.44 16.10
CA SER A 41 -13.46 -16.91 14.87
C SER A 41 -14.88 -16.40 14.87
N ILE A 42 -15.14 -15.39 14.06
CA ILE A 42 -16.44 -14.74 13.96
C ILE A 42 -17.14 -15.30 12.73
N LYS A 43 -18.40 -15.70 12.87
CA LYS A 43 -19.03 -16.33 11.73
C LYS A 43 -19.41 -15.29 10.68
N GLN A 44 -19.37 -15.70 9.43
CA GLN A 44 -19.67 -14.79 8.33
C GLN A 44 -21.19 -14.55 8.28
N TYR A 45 -21.60 -13.29 8.34
CA TYR A 45 -23.02 -12.98 8.18
C TYR A 45 -23.42 -13.27 6.73
N PRO A 46 -24.57 -13.91 6.51
CA PRO A 46 -24.96 -14.27 5.13
C PRO A 46 -24.92 -13.06 4.22
N MET A 47 -24.39 -13.26 3.02
CA MET A 47 -24.32 -12.19 2.03
C MET A 47 -25.35 -12.49 0.95
N SER A 48 -26.00 -11.43 0.46
CA SER A 48 -26.94 -11.59 -0.63
C SER A 48 -26.22 -12.06 -1.89
N GLN A 49 -26.97 -12.69 -2.80
CA GLN A 49 -26.35 -13.06 -4.06
C GLN A 49 -25.83 -11.83 -4.80
N GLU A 50 -26.55 -10.72 -4.73
CA GLU A 50 -26.09 -9.52 -5.42
C GLU A 50 -24.73 -9.09 -4.92
N ALA A 51 -24.55 -9.12 -3.60
CA ALA A 51 -23.27 -8.72 -3.02
C ALA A 51 -22.18 -9.72 -3.38
N ARG A 52 -22.48 -11.01 -3.29
CA ARG A 52 -21.52 -12.04 -3.66
C ARG A 52 -21.07 -11.91 -5.11
N LEU A 53 -22.03 -11.72 -6.04
CA LEU A 53 -21.62 -11.55 -7.43
C LEU A 53 -20.81 -10.28 -7.62
N GLY A 54 -21.09 -9.24 -6.84
CA GLY A 54 -20.32 -8.01 -6.95
C GLY A 54 -18.88 -8.20 -6.48
N ILE A 55 -18.69 -8.97 -5.41
CA ILE A 55 -17.38 -9.17 -4.80
C ILE A 55 -16.56 -10.19 -5.57
N LYS A 56 -17.23 -11.17 -6.19
CA LYS A 56 -16.59 -12.35 -6.75
C LYS A 56 -15.42 -12.07 -7.69
N PRO A 57 -15.52 -11.16 -8.68
CA PRO A 57 -14.39 -11.01 -9.60
C PRO A 57 -13.15 -10.44 -8.93
N HIS A 58 -13.33 -9.62 -7.88
CA HIS A 58 -12.20 -9.14 -7.09
C HIS A 58 -11.50 -10.28 -6.37
N ILE A 59 -12.27 -11.15 -5.73
CA ILE A 59 -11.69 -12.31 -5.06
C ILE A 59 -10.92 -13.16 -6.07
N GLN A 60 -11.53 -13.41 -7.22
CA GLN A 60 -10.86 -14.25 -8.22
C GLN A 60 -9.56 -13.63 -8.70
N ARG A 61 -9.55 -12.32 -8.93
CA ARG A 61 -8.33 -11.66 -9.35
C ARG A 61 -7.25 -11.79 -8.30
N LEU A 62 -7.62 -11.58 -7.03
CA LEU A 62 -6.63 -11.67 -5.96
C LEU A 62 -6.09 -13.09 -5.82
N LEU A 63 -6.96 -14.10 -6.00
CA LEU A 63 -6.50 -15.48 -6.01
C LEU A 63 -5.53 -15.70 -7.16
N ASP A 64 -5.89 -15.22 -8.36
CA ASP A 64 -5.00 -15.36 -9.51
C ASP A 64 -3.65 -14.70 -9.26
N GLN A 65 -3.65 -13.56 -8.58
CA GLN A 65 -2.41 -12.84 -8.27
C GLN A 65 -1.63 -13.47 -7.13
N GLY A 66 -2.18 -14.50 -6.47
CA GLY A 66 -1.54 -15.10 -5.31
C GLY A 66 -1.63 -14.25 -4.06
N ILE A 67 -2.44 -13.20 -4.09
CA ILE A 67 -2.56 -12.30 -2.94
C ILE A 67 -3.51 -12.90 -1.92
N LEU A 68 -4.51 -13.65 -2.38
CA LEU A 68 -5.32 -14.51 -1.52
C LEU A 68 -4.95 -15.97 -1.79
N VAL A 69 -4.94 -16.79 -0.73
CA VAL A 69 -4.76 -18.24 -0.87
C VAL A 69 -5.75 -18.95 0.04
N PRO A 70 -6.13 -20.18 -0.34
CA PRO A 70 -6.95 -20.98 0.57
C PRO A 70 -6.18 -21.29 1.86
N CYS A 71 -6.93 -21.49 2.94
CA CYS A 71 -6.33 -21.88 4.20
C CYS A 71 -7.40 -22.49 5.09
N GLN A 72 -6.93 -23.12 6.17
CA GLN A 72 -7.74 -23.50 7.33
C GLN A 72 -7.14 -22.80 8.54
N SER A 73 -7.91 -21.92 9.18
CA SER A 73 -7.38 -21.09 10.25
C SER A 73 -8.34 -21.03 11.44
N PRO A 74 -7.82 -21.01 12.67
CA PRO A 74 -8.69 -20.81 13.84
C PRO A 74 -9.13 -19.36 14.00
N TRP A 75 -8.60 -18.46 13.17
CA TRP A 75 -9.03 -17.07 13.09
C TRP A 75 -10.04 -16.94 11.97
N ASN A 76 -11.02 -16.07 12.17
CA ASN A 76 -11.92 -15.74 11.07
C ASN A 76 -12.59 -14.42 11.38
N THR A 77 -12.60 -13.52 10.40
CA THR A 77 -13.33 -12.26 10.55
C THR A 77 -14.25 -12.08 9.35
N PRO A 78 -15.32 -11.31 9.51
CA PRO A 78 -16.32 -11.23 8.44
C PRO A 78 -15.93 -10.29 7.32
N LEU A 79 -16.40 -10.64 6.15
CA LEU A 79 -16.39 -9.77 4.99
C LEU A 79 -17.70 -9.00 4.94
N LEU A 80 -17.61 -7.71 4.65
CA LEU A 80 -18.88 -7.09 4.35
C LEU A 80 -18.86 -6.54 2.92
N PRO A 81 -20.01 -6.47 2.30
CA PRO A 81 -20.08 -5.81 0.98
C PRO A 81 -20.35 -4.32 1.12
N VAL A 82 -19.56 -3.51 0.41
CA VAL A 82 -19.78 -2.06 0.46
C VAL A 82 -20.12 -1.53 -0.92
N TYR A 90 -19.67 -2.83 -5.89
CA TYR A 90 -19.32 -3.64 -4.72
C TYR A 90 -17.82 -3.93 -4.63
N ARG A 91 -17.27 -3.77 -3.43
CA ARG A 91 -15.88 -4.10 -3.14
C ARG A 91 -15.85 -4.79 -1.78
N PRO A 92 -14.97 -5.78 -1.58
CA PRO A 92 -14.96 -6.51 -0.31
C PRO A 92 -14.18 -5.72 0.75
N VAL A 93 -14.77 -5.58 1.93
CA VAL A 93 -14.15 -4.87 3.06
C VAL A 93 -14.22 -5.80 4.26
N GLN A 94 -13.05 -6.13 4.83
CA GLN A 94 -12.99 -7.09 5.92
C GLN A 94 -13.05 -6.34 7.25
N ASP A 95 -13.87 -6.81 8.18
CA ASP A 95 -13.92 -6.20 9.52
C ASP A 95 -12.86 -6.86 10.39
N LEU A 96 -11.69 -6.22 10.48
CA LEU A 96 -10.56 -6.76 11.23
C LEU A 96 -10.48 -6.24 12.64
N ARG A 97 -11.53 -5.61 13.16
CA ARG A 97 -11.41 -4.97 14.47
C ARG A 97 -11.04 -5.98 15.57
N GLU A 98 -11.60 -7.20 15.53
CA GLU A 98 -11.29 -8.15 16.58
C GLU A 98 -9.88 -8.71 16.45
N VAL A 99 -9.35 -8.75 15.23
CA VAL A 99 -7.93 -9.06 15.06
C VAL A 99 -7.06 -7.92 15.57
N ASN A 100 -7.40 -6.69 15.20
CA ASN A 100 -6.61 -5.53 15.62
C ASN A 100 -6.48 -5.47 17.13
N LYS A 101 -7.56 -5.78 17.86
CA LYS A 101 -7.52 -5.76 19.32
C LYS A 101 -6.53 -6.75 19.90
N ARG A 102 -6.24 -7.82 19.17
CA ARG A 102 -5.38 -8.88 19.68
C ARG A 102 -3.93 -8.76 19.20
N VAL A 103 -3.63 -7.78 18.35
CA VAL A 103 -2.28 -7.58 17.82
C VAL A 103 -1.55 -6.56 18.67
N GLU A 104 -0.29 -6.84 18.99
CA GLU A 104 0.51 -5.92 19.80
C GLU A 104 0.65 -4.55 19.10
N ASP A 105 0.48 -3.49 19.90
CA ASP A 105 0.62 -2.13 19.38
C ASP A 105 2.05 -1.84 18.96
N ILE A 106 2.21 -1.01 17.93
CA ILE A 106 3.50 -0.45 17.58
C ILE A 106 3.43 1.07 17.68
N HIS A 107 4.60 1.69 17.85
CA HIS A 107 4.67 3.15 17.88
C HIS A 107 4.25 3.71 16.53
N PRO A 108 3.31 4.66 16.47
CA PRO A 108 2.92 5.25 15.17
C PRO A 108 3.96 6.26 14.71
N THR A 109 4.62 5.96 13.58
CA THR A 109 5.74 6.77 13.11
C THR A 109 5.42 7.56 11.85
N VAL A 110 4.23 7.40 11.28
CA VAL A 110 3.85 8.21 10.12
C VAL A 110 3.63 9.64 10.62
N PRO A 111 4.34 10.62 10.07
CA PRO A 111 4.15 12.01 10.49
C PRO A 111 2.78 12.53 10.05
N ASN A 112 2.22 13.49 10.82
CA ASN A 112 0.99 14.03 10.26
C ASN A 112 1.32 15.00 9.13
N PRO A 113 0.40 15.14 8.16
CA PRO A 113 0.70 15.95 6.98
C PRO A 113 1.19 17.35 7.29
N TYR A 114 0.61 18.03 8.28
CA TYR A 114 1.06 19.37 8.61
C TYR A 114 2.56 19.40 8.88
N ASN A 115 3.01 18.54 9.80
CA ASN A 115 4.43 18.48 10.12
C ASN A 115 5.26 18.02 8.93
N LEU A 116 4.79 17.02 8.19
CA LEU A 116 5.55 16.57 7.02
C LEU A 116 5.84 17.71 6.06
N LEU A 117 4.87 18.59 5.83
CA LEU A 117 5.08 19.62 4.82
C LEU A 117 6.00 20.74 5.30
N SER A 118 6.25 20.84 6.61
CA SER A 118 7.24 21.79 7.09
C SER A 118 8.63 21.55 6.51
N GLY A 119 8.92 20.33 6.05
CA GLY A 119 10.19 20.04 5.44
C GLY A 119 10.36 20.46 4.01
N LEU A 120 9.46 21.29 3.48
CA LEU A 120 9.50 21.77 2.11
C LEU A 120 10.04 23.20 2.09
N PRO A 121 11.30 23.44 1.74
CA PRO A 121 11.86 24.79 1.76
C PRO A 121 11.46 25.57 0.52
N PRO A 122 11.49 26.90 0.58
CA PRO A 122 11.11 27.71 -0.59
C PRO A 122 12.02 27.54 -1.79
N SER A 123 13.24 27.02 -1.61
CA SER A 123 14.17 26.84 -2.71
C SER A 123 13.71 25.78 -3.71
N HIS A 124 12.84 24.86 -3.30
CA HIS A 124 12.47 23.70 -4.09
C HIS A 124 11.01 23.87 -4.52
N GLN A 125 10.79 24.48 -5.69
CA GLN A 125 9.45 24.80 -6.15
C GLN A 125 9.03 23.99 -7.37
N TRP A 126 9.84 23.01 -7.79
CA TRP A 126 9.47 22.10 -8.86
C TRP A 126 9.12 20.74 -8.24
N TYR A 127 7.90 20.27 -8.51
CA TYR A 127 7.35 19.14 -7.77
C TYR A 127 7.02 17.97 -8.68
N THR A 128 7.23 16.76 -8.17
CA THR A 128 6.63 15.56 -8.72
C THR A 128 5.86 14.87 -7.60
N VAL A 129 4.61 14.52 -7.87
CA VAL A 129 3.79 13.76 -6.93
C VAL A 129 3.51 12.40 -7.54
N LEU A 130 3.75 11.35 -6.77
CA LEU A 130 3.49 9.98 -7.18
C LEU A 130 2.62 9.32 -6.13
N ASP A 131 1.74 8.42 -6.59
CA ASP A 131 0.81 7.72 -5.71
C ASP A 131 1.04 6.23 -5.95
N LEU A 132 1.54 5.52 -4.95
CA LEU A 132 1.81 4.10 -5.14
C LEU A 132 0.52 3.32 -5.14
N LYS A 133 0.35 2.45 -6.14
CA LYS A 133 -0.86 1.67 -6.28
C LYS A 133 -0.73 0.35 -5.54
N ASP A 134 -1.78 -0.04 -4.83
CA ASP A 134 -1.85 -1.29 -4.07
C ASP A 134 -0.61 -1.44 -3.19
N ALA A 135 -0.29 -0.37 -2.47
CA ALA A 135 0.95 -0.30 -1.70
C ALA A 135 1.06 -1.42 -0.68
N PHE A 136 0.04 -1.58 0.17
CA PHE A 136 0.13 -2.61 1.22
C PHE A 136 0.35 -3.98 0.61
N PHE A 137 -0.31 -4.26 -0.52
CA PHE A 137 -0.15 -5.56 -1.15
C PHE A 137 1.27 -5.80 -1.65
N CYS A 138 2.12 -4.76 -1.74
CA CYS A 138 3.49 -5.03 -2.15
C CYS A 138 4.32 -5.66 -1.03
N LEU A 139 3.85 -5.60 0.22
CA LEU A 139 4.61 -6.16 1.35
C LEU A 139 4.07 -7.55 1.65
N ARG A 140 4.96 -8.53 1.62
CA ARG A 140 4.59 -9.90 1.95
C ARG A 140 4.36 -10.08 3.45
N LEU A 141 3.46 -11.01 3.78
CA LEU A 141 3.25 -11.48 5.14
C LEU A 141 3.96 -12.82 5.31
N HIS A 142 4.68 -12.97 6.42
CA HIS A 142 5.29 -14.25 6.74
C HIS A 142 4.20 -15.32 6.86
N PRO A 143 4.46 -16.55 6.39
CA PRO A 143 3.44 -17.60 6.49
C PRO A 143 2.90 -17.82 7.90
N THR A 144 3.69 -17.55 8.95
CA THR A 144 3.20 -17.74 10.32
C THR A 144 2.12 -16.73 10.68
N SER A 145 2.14 -15.57 10.05
CA SER A 145 1.17 -14.51 10.33
C SER A 145 -0.02 -14.50 9.36
N GLN A 146 0.05 -15.24 8.26
CA GLN A 146 -1.07 -15.25 7.32
C GLN A 146 -2.37 -15.75 7.93
N PRO A 147 -2.40 -16.79 8.76
CA PRO A 147 -3.71 -17.29 9.25
C PRO A 147 -4.48 -16.29 10.06
N LEU A 148 -3.81 -15.26 10.60
CA LEU A 148 -4.48 -14.23 11.39
C LEU A 148 -5.62 -13.54 10.64
N PHE A 149 -5.50 -13.41 9.32
CA PHE A 149 -6.37 -12.53 8.55
C PHE A 149 -7.41 -13.30 7.74
N ALA A 150 -7.68 -14.54 8.11
CA ALA A 150 -8.56 -15.41 7.31
C ALA A 150 -10.01 -14.97 7.37
N PHE A 151 -10.71 -15.24 6.27
CA PHE A 151 -12.15 -14.99 6.18
C PHE A 151 -12.74 -16.13 5.37
N GLU A 152 -14.08 -16.21 5.39
CA GLU A 152 -14.79 -17.29 4.71
C GLU A 152 -15.19 -16.85 3.30
N TRP A 153 -15.08 -17.77 2.34
CA TRP A 153 -15.53 -17.47 0.99
C TRP A 153 -16.33 -18.65 0.46
N ARG A 154 -17.57 -18.38 0.04
CA ARG A 154 -18.47 -19.37 -0.53
C ARG A 154 -18.74 -19.05 -2.00
N ASP A 155 -18.74 -20.08 -2.84
CA ASP A 155 -19.32 -20.02 -4.17
C ASP A 155 -20.44 -21.05 -4.20
N PRO A 156 -21.68 -20.67 -3.88
CA PRO A 156 -22.77 -21.65 -3.80
C PRO A 156 -23.04 -22.38 -5.11
N GLU A 157 -22.67 -21.81 -6.25
CA GLU A 157 -22.82 -22.46 -7.55
C GLU A 157 -21.50 -23.04 -8.07
N MET A 158 -20.48 -23.11 -7.22
CA MET A 158 -19.25 -23.82 -7.51
C MET A 158 -18.92 -24.87 -6.44
N GLY A 159 -19.62 -24.86 -5.31
CA GLY A 159 -19.44 -25.81 -4.25
C GLY A 159 -18.47 -25.38 -3.16
N ILE A 160 -17.45 -24.60 -3.52
CA ILE A 160 -16.36 -24.31 -2.60
C ILE A 160 -16.88 -23.45 -1.44
N SER A 161 -16.90 -24.03 -0.25
CA SER A 161 -16.99 -23.29 1.00
C SER A 161 -15.75 -23.58 1.82
N GLY A 162 -15.10 -22.53 2.30
CA GLY A 162 -13.83 -22.67 2.98
C GLY A 162 -13.25 -21.29 3.20
N GLN A 163 -12.08 -21.27 3.83
CA GLN A 163 -11.46 -20.00 4.16
C GLN A 163 -10.41 -19.61 3.13
N LEU A 164 -10.22 -18.29 2.98
CA LEU A 164 -9.07 -17.72 2.30
C LEU A 164 -8.31 -16.81 3.26
N THR A 165 -7.04 -16.55 2.96
CA THR A 165 -6.38 -15.49 3.71
C THR A 165 -5.39 -14.76 2.79
N TRP A 166 -4.83 -13.67 3.34
CA TRP A 166 -3.94 -12.77 2.61
C TRP A 166 -2.49 -13.24 2.73
N THR A 167 -1.74 -13.17 1.62
CA THR A 167 -0.29 -13.38 1.67
C THR A 167 0.47 -12.07 1.70
N ARG A 168 -0.23 -10.93 1.71
CA ARG A 168 0.35 -9.60 1.74
C ARG A 168 -0.32 -8.79 2.85
N LEU A 169 0.32 -7.70 3.26
CA LEU A 169 -0.21 -6.78 4.25
C LEU A 169 -1.63 -6.33 3.88
N PRO A 170 -2.63 -6.56 4.73
CA PRO A 170 -4.02 -6.35 4.30
C PRO A 170 -4.56 -4.96 4.63
N GLN A 171 -5.56 -4.56 3.85
CA GLN A 171 -6.38 -3.42 4.21
C GLN A 171 -7.14 -3.69 5.50
N GLY A 172 -7.32 -2.64 6.29
CA GLY A 172 -8.12 -2.74 7.50
C GLY A 172 -7.35 -3.19 8.72
N PHE A 173 -6.09 -3.60 8.54
CA PHE A 173 -5.21 -3.96 9.63
C PHE A 173 -4.58 -2.70 10.21
N LYS A 174 -4.62 -2.57 11.55
CA LYS A 174 -4.32 -1.30 12.19
C LYS A 174 -2.88 -0.87 11.97
N ASN A 175 -1.96 -1.81 11.76
CA ASN A 175 -0.56 -1.44 11.62
C ASN A 175 -0.09 -1.32 10.16
N SER A 176 -0.95 -1.51 9.19
CA SER A 176 -0.49 -1.47 7.79
C SER A 176 0.10 -0.13 7.40
N PRO A 177 -0.52 1.03 7.68
CA PRO A 177 0.10 2.28 7.24
C PRO A 177 1.49 2.50 7.80
N THR A 178 1.69 2.23 9.09
CA THR A 178 2.99 2.42 9.71
C THR A 178 4.02 1.42 9.18
N LEU A 179 3.65 0.15 9.08
CA LEU A 179 4.58 -0.84 8.54
C LEU A 179 4.97 -0.50 7.10
N PHE A 180 4.02 -0.03 6.29
CA PHE A 180 4.38 0.30 4.92
C PHE A 180 5.29 1.52 4.87
N ASP A 181 4.97 2.56 5.64
CA ASP A 181 5.79 3.76 5.66
C ASP A 181 7.21 3.43 6.09
N GLU A 182 7.35 2.58 7.10
CA GLU A 182 8.68 2.21 7.57
C GLU A 182 9.43 1.40 6.53
N ALA A 183 8.73 0.46 5.87
CA ALA A 183 9.40 -0.35 4.85
C ALA A 183 9.87 0.50 3.68
N LEU A 184 9.02 1.42 3.19
CA LEU A 184 9.44 2.23 2.05
C LEU A 184 10.58 3.16 2.43
N HIS A 185 10.57 3.69 3.65
CA HIS A 185 11.71 4.47 4.13
C HIS A 185 13.01 3.67 4.06
N ARG A 186 12.99 2.41 4.49
CA ARG A 186 14.19 1.60 4.37
C ARG A 186 14.60 1.42 2.91
N ASP A 187 13.63 1.20 2.01
CA ASP A 187 13.95 0.93 0.62
C ASP A 187 14.41 2.18 -0.12
N LEU A 188 14.04 3.38 0.35
CA LEU A 188 14.43 4.62 -0.31
C LEU A 188 15.58 5.33 0.40
N ALA A 189 16.16 4.71 1.42
CA ALA A 189 17.23 5.37 2.16
C ALA A 189 18.42 5.66 1.27
N ASP A 190 18.78 4.72 0.40
CA ASP A 190 19.93 4.93 -0.48
C ASP A 190 19.64 6.00 -1.52
N PHE A 191 18.42 6.02 -2.07
CA PHE A 191 18.05 7.08 -3.01
C PHE A 191 18.27 8.46 -2.39
N ARG A 192 17.86 8.63 -1.13
CA ARG A 192 18.08 9.90 -0.45
C ARG A 192 19.56 10.24 -0.37
N ILE A 193 20.40 9.24 -0.13
CA ILE A 193 21.84 9.51 -0.04
C ILE A 193 22.41 9.85 -1.42
N GLN A 194 21.93 9.19 -2.47
CA GLN A 194 22.44 9.45 -3.81
C GLN A 194 21.91 10.74 -4.41
N HIS A 195 20.94 11.39 -3.77
CA HIS A 195 20.33 12.60 -4.30
C HIS A 195 20.12 13.59 -3.16
N PRO A 196 21.21 14.12 -2.62
CA PRO A 196 21.11 15.01 -1.45
C PRO A 196 20.49 16.36 -1.77
N ASP A 197 20.41 16.76 -3.02
CA ASP A 197 19.81 18.03 -3.38
C ASP A 197 18.31 17.94 -3.60
N LEU A 198 17.73 16.76 -3.48
CA LEU A 198 16.29 16.58 -3.65
C LEU A 198 15.61 16.46 -2.30
N ILE A 199 14.36 16.95 -2.25
CA ILE A 199 13.49 16.78 -1.09
C ILE A 199 12.50 15.67 -1.42
N LEU A 200 12.42 14.66 -0.57
CA LEU A 200 11.47 13.56 -0.71
C LEU A 200 10.62 13.46 0.54
N LEU A 201 9.33 13.72 0.39
CA LEU A 201 8.34 13.56 1.46
C LEU A 201 7.61 12.25 1.23
N GLN A 202 7.50 11.43 2.28
CA GLN A 202 6.77 10.17 2.22
C GLN A 202 5.60 10.22 3.21
N TYR A 203 4.39 9.98 2.70
CA TYR A 203 3.22 9.79 3.56
C TYR A 203 2.54 8.50 3.12
N VAL A 204 2.98 7.37 3.71
CA VAL A 204 2.53 6.04 3.34
C VAL A 204 2.73 5.87 1.84
N ASP A 205 1.65 5.84 1.06
CA ASP A 205 1.79 5.59 -0.38
C ASP A 205 1.80 6.87 -1.21
N ASP A 206 1.86 8.05 -0.57
CA ASP A 206 1.80 9.34 -1.26
C ASP A 206 3.15 10.02 -1.14
N LEU A 207 3.82 10.20 -2.28
CA LEU A 207 5.18 10.70 -2.33
C LEU A 207 5.24 12.08 -3.00
N LEU A 208 6.03 12.99 -2.43
CA LEU A 208 6.34 14.26 -3.07
C LEU A 208 7.84 14.38 -3.25
N LEU A 209 8.28 14.63 -4.47
CA LEU A 209 9.68 14.93 -4.74
C LEU A 209 9.79 16.39 -5.16
N ALA A 210 10.71 17.12 -4.54
CA ALA A 210 10.90 18.54 -4.81
C ALA A 210 12.33 18.82 -5.23
N ALA A 211 12.49 19.69 -6.25
CA ALA A 211 13.80 20.05 -6.77
C ALA A 211 13.85 21.56 -6.99
N THR A 212 15.06 22.06 -7.26
CA THR A 212 15.25 23.49 -7.46
C THR A 212 14.97 23.95 -8.88
N SER A 213 15.01 23.04 -9.85
CA SER A 213 14.82 23.39 -11.25
C SER A 213 14.04 22.30 -11.95
N GLU A 214 13.44 22.68 -13.09
CA GLU A 214 12.74 21.71 -13.92
C GLU A 214 13.64 20.56 -14.31
N LEU A 215 14.87 20.88 -14.77
CA LEU A 215 15.80 19.84 -15.19
C LEU A 215 16.13 18.88 -14.05
N ASP A 216 16.44 19.42 -12.87
CA ASP A 216 16.73 18.56 -11.73
C ASP A 216 15.51 17.72 -11.35
N CYS A 217 14.32 18.32 -11.43
CA CYS A 217 13.11 17.57 -11.11
C CYS A 217 12.88 16.47 -12.13
N GLN A 218 13.24 16.71 -13.39
CA GLN A 218 13.10 15.68 -14.41
C GLN A 218 14.09 14.55 -14.16
N GLN A 219 15.35 14.89 -13.85
CA GLN A 219 16.35 13.87 -13.63
C GLN A 219 16.08 13.10 -12.35
N GLY A 220 15.67 13.80 -11.29
CA GLY A 220 15.32 13.12 -10.04
C GLY A 220 14.08 12.26 -10.18
N THR A 221 13.09 12.72 -10.96
CA THR A 221 11.90 11.90 -11.17
C THR A 221 12.23 10.65 -11.97
N ARG A 222 13.09 10.79 -12.98
CA ARG A 222 13.61 9.62 -13.67
C ARG A 222 14.27 8.65 -12.69
N ALA A 223 15.15 9.16 -11.83
CA ALA A 223 15.86 8.28 -10.90
C ALA A 223 14.89 7.63 -9.92
N LEU A 224 13.88 8.37 -9.47
CA LEU A 224 12.97 7.82 -8.46
C LEU A 224 12.06 6.75 -9.06
N LEU A 225 11.52 7.00 -10.26
CA LEU A 225 10.72 5.96 -10.90
C LEU A 225 11.54 4.71 -11.14
N GLN A 226 12.78 4.88 -11.62
CA GLN A 226 13.62 3.72 -11.88
C GLN A 226 13.85 2.93 -10.59
N THR A 227 14.06 3.65 -9.49
CA THR A 227 14.31 3.00 -8.22
C THR A 227 13.06 2.30 -7.70
N LEU A 228 11.93 3.02 -7.67
CA LEU A 228 10.68 2.40 -7.21
C LEU A 228 10.36 1.13 -7.98
N GLY A 229 10.44 1.19 -9.31
CA GLY A 229 10.12 0.01 -10.10
C GLY A 229 11.06 -1.14 -9.84
N ASN A 230 12.36 -0.83 -9.70
CA ASN A 230 13.35 -1.86 -9.42
C ASN A 230 13.08 -2.53 -8.07
N LEU A 231 12.68 -1.74 -7.07
CA LEU A 231 12.39 -2.28 -5.74
C LEU A 231 11.09 -3.06 -5.68
N GLY A 232 10.23 -2.92 -6.69
CA GLY A 232 8.98 -3.64 -6.73
C GLY A 232 7.72 -2.87 -6.41
N TYR A 233 7.81 -1.55 -6.26
CA TYR A 233 6.64 -0.71 -6.07
C TYR A 233 6.12 -0.20 -7.41
N ARG A 234 4.88 0.29 -7.41
CA ARG A 234 4.22 0.70 -8.65
C ARG A 234 3.46 1.97 -8.39
N ALA A 235 3.66 2.97 -9.25
CA ALA A 235 2.98 4.25 -9.16
C ALA A 235 1.88 4.36 -10.21
N SER A 236 0.85 5.15 -9.92
CA SER A 236 -0.25 5.36 -10.85
C SER A 236 0.17 6.35 -11.92
N ALA A 237 0.28 5.88 -13.17
CA ALA A 237 0.60 6.80 -14.26
C ALA A 237 -0.55 7.78 -14.49
N LYS A 238 -1.78 7.37 -14.18
CA LYS A 238 -2.93 8.24 -14.42
C LYS A 238 -2.92 9.44 -13.47
N LYS A 239 -2.60 9.22 -12.21
CA LYS A 239 -2.68 10.28 -11.20
C LYS A 239 -1.40 11.09 -11.08
N ALA A 240 -0.31 10.63 -11.67
CA ALA A 240 0.99 11.27 -11.45
C ALA A 240 0.98 12.72 -11.89
N GLN A 241 1.63 13.57 -11.10
CA GLN A 241 1.86 14.98 -11.43
C GLN A 241 3.37 15.16 -11.56
N ILE A 242 3.85 15.33 -12.78
CA ILE A 242 5.28 15.23 -13.08
C ILE A 242 5.83 16.61 -13.41
N CYS A 243 6.83 17.05 -12.64
CA CYS A 243 7.61 18.25 -12.90
C CYS A 243 6.72 19.47 -13.13
N GLN A 244 5.85 19.73 -12.15
CA GLN A 244 4.99 20.90 -12.19
C GLN A 244 5.37 21.86 -11.07
N LYS A 245 5.15 23.15 -11.32
CA LYS A 245 5.28 24.13 -10.24
C LYS A 245 4.03 24.22 -9.38
N GLN A 246 2.97 23.52 -9.77
CA GLN A 246 1.71 23.49 -9.04
C GLN A 246 1.25 22.05 -8.95
N VAL A 247 1.09 21.53 -7.73
CA VAL A 247 0.62 20.15 -7.54
C VAL A 247 -0.35 20.09 -6.36
N LYS A 248 -1.19 19.07 -6.38
CA LYS A 248 -2.02 18.70 -5.25
C LYS A 248 -1.34 17.56 -4.49
N TYR A 249 -1.07 17.77 -3.20
CA TYR A 249 -0.40 16.77 -2.36
C TYR A 249 -1.04 16.78 -0.99
N LEU A 250 -1.58 15.63 -0.57
CA LEU A 250 -2.13 15.45 0.79
C LEU A 250 -3.24 16.45 1.08
N GLY A 251 -4.06 16.74 0.07
CA GLY A 251 -5.17 17.65 0.26
C GLY A 251 -4.82 19.12 0.16
N TYR A 252 -3.55 19.47 0.06
CA TYR A 252 -3.12 20.84 -0.12
C TYR A 252 -2.87 21.11 -1.61
N LEU A 253 -3.04 22.36 -2.01
CA LEU A 253 -2.53 22.83 -3.28
C LEU A 253 -1.19 23.51 -3.01
N LEU A 254 -0.12 22.97 -3.59
CA LEU A 254 1.20 23.55 -3.44
C LEU A 254 1.45 24.49 -4.61
N LYS A 255 1.60 25.78 -4.31
CA LYS A 255 1.65 26.80 -5.36
C LYS A 255 2.44 28.00 -4.83
N GLU A 256 3.50 28.38 -5.54
CA GLU A 256 4.32 29.54 -5.17
C GLU A 256 4.76 29.46 -3.70
N GLY A 257 5.18 28.27 -3.28
CA GLY A 257 5.65 28.06 -1.93
C GLY A 257 4.58 28.10 -0.85
N GLN A 258 3.30 28.18 -1.23
CA GLN A 258 2.22 28.34 -0.27
C GLN A 258 1.52 27.01 0.01
N ARG A 259 0.90 26.95 1.20
CA ARG A 259 0.14 25.82 1.71
C ARG A 259 1.02 24.60 1.95
#